data_2PVU
#
_entry.id   2PVU
#
_cell.length_a   68.268
_cell.length_b   73.887
_cell.length_c   102.681
_cell.angle_alpha   90.00
_cell.angle_beta   90.00
_cell.angle_gamma   90.00
#
_symmetry.space_group_name_H-M   'C 2 2 21'
#
loop_
_entity.id
_entity.type
_entity.pdbx_description
1 polymer ArtJ
2 non-polymer 'SULFATE ION'
3 non-polymer LYSINE
4 water water
#
_entity_poly.entity_id   1
_entity_poly.type   'polypeptide(L)'
_entity_poly.pdbx_seq_one_letter_code
;MGSSHHHHHHSSGLVPRGSHMGGGRSTETSSSSGGDGGATKKKVVVGTDAAFAPFEYMQKGKIVGFDVDLLDAVMKAAGL
DYELKNIGWDPLFASLQSKEVDMGISGITITDERKQSYDFSDPYFEATQVILVKQGSPVKNALDLKGKTIGVQNATTGQE
AAEKLFGKGPHIKKFETTVVAIMELLNGGVDAVITDNAVANEYVKNNPNKKLQVIEDPKNFASEYYGMIFPKNSELKAKV
DEALKNVINSGKYTEIYKKWFGKEPKLDRLKQ
;
_entity_poly.pdbx_strand_id   A
#
loop_
_chem_comp.id
_chem_comp.type
_chem_comp.name
_chem_comp.formula
SO4 non-polymer 'SULFATE ION' 'O4 S -2'
#
# COMPACT_ATOMS: atom_id res chain seq x y z
N GLY A 38 25.89 -23.07 -18.90
CA GLY A 38 24.97 -23.79 -17.99
C GLY A 38 23.61 -23.14 -17.82
N ALA A 39 22.66 -23.89 -17.28
CA ALA A 39 21.27 -23.45 -17.19
C ALA A 39 21.00 -22.40 -16.11
N THR A 40 19.89 -21.66 -16.30
CA THR A 40 19.00 -21.17 -15.22
C THR A 40 19.36 -19.97 -14.34
N LYS A 41 18.33 -19.17 -14.07
CA LYS A 41 18.16 -18.54 -12.76
C LYS A 41 17.45 -19.63 -11.93
N LYS A 42 16.11 -19.70 -11.88
CA LYS A 42 15.20 -18.65 -12.31
C LYS A 42 14.98 -17.81 -11.06
N LYS A 43 14.63 -16.56 -11.29
CA LYS A 43 14.44 -15.62 -10.21
C LYS A 43 12.99 -15.67 -9.79
N VAL A 44 12.75 -15.38 -8.52
CA VAL A 44 11.40 -15.11 -8.09
C VAL A 44 10.90 -13.83 -8.77
N VAL A 45 9.69 -13.87 -9.31
CA VAL A 45 9.12 -12.72 -9.99
C VAL A 45 8.22 -12.01 -8.99
N VAL A 46 8.61 -10.78 -8.65
CA VAL A 46 7.86 -10.03 -7.64
C VAL A 46 7.16 -8.85 -8.33
N GLY A 47 5.84 -8.75 -8.22
CA GLY A 47 5.10 -7.61 -8.80
C GLY A 47 4.77 -6.51 -7.82
N THR A 48 4.55 -5.31 -8.35
CA THR A 48 4.20 -4.14 -7.54
C THR A 48 3.49 -3.11 -8.43
N ASP A 49 2.83 -2.17 -7.76
CA ASP A 49 2.17 -1.01 -8.43
C ASP A 49 3.00 0.18 -8.05
N ALA A 50 4.05 0.51 -8.84
CA ALA A 50 4.98 1.55 -8.34
C ALA A 50 4.43 2.94 -8.63
N ALA A 51 3.33 3.29 -7.95
CA ALA A 51 2.72 4.61 -8.01
C ALA A 51 2.13 4.92 -6.66
N PHE A 52 2.92 4.70 -5.59
CA PHE A 52 2.38 4.67 -4.20
C PHE A 52 3.50 5.07 -3.22
N ALA A 53 4.06 6.25 -3.47
CA ALA A 53 5.09 6.80 -2.58
C ALA A 53 4.50 6.95 -1.17
N PRO A 54 5.25 6.61 -0.11
CA PRO A 54 6.69 6.27 -0.09
C PRO A 54 7.01 4.77 -0.20
N PHE A 55 6.00 3.94 -0.42
CA PHE A 55 6.21 2.48 -0.42
C PHE A 55 6.87 1.97 -1.70
N GLU A 56 6.38 2.43 -2.84
CA GLU A 56 7.03 2.14 -4.11
C GLU A 56 6.61 3.19 -5.11
N TYR A 57 7.59 3.71 -5.81
CA TYR A 57 7.29 4.74 -6.83
C TYR A 57 8.47 4.76 -7.78
N MET A 58 8.36 5.52 -8.86
CA MET A 58 9.45 5.59 -9.85
C MET A 58 10.27 6.83 -9.59
N GLN A 59 11.58 6.69 -9.69
CA GLN A 59 12.47 7.84 -9.61
C GLN A 59 13.64 7.50 -10.49
N LYS A 60 13.81 8.32 -11.53
CA LYS A 60 14.89 8.18 -12.50
C LYS A 60 14.91 6.80 -13.18
N GLY A 61 13.72 6.30 -13.53
CA GLY A 61 13.58 5.01 -14.21
C GLY A 61 13.76 3.78 -13.32
N LYS A 62 13.93 3.99 -12.01
CA LYS A 62 14.12 2.89 -11.06
C LYS A 62 12.91 2.86 -10.17
N ILE A 63 12.59 1.69 -9.62
CA ILE A 63 11.51 1.56 -8.63
C ILE A 63 12.17 1.73 -7.25
N VAL A 64 11.69 2.69 -6.46
CA VAL A 64 12.28 2.97 -5.14
C VAL A 64 11.18 2.96 -4.06
N GLY A 65 11.59 2.88 -2.80
CA GLY A 65 10.63 3.08 -1.72
C GLY A 65 10.82 2.12 -0.57
N PHE A 66 10.00 2.33 0.46
CA PHE A 66 10.14 1.50 1.65
C PHE A 66 9.94 -0.01 1.34
N ASP A 67 8.90 -0.31 0.58
CA ASP A 67 8.63 -1.70 0.24
C ASP A 67 9.80 -2.24 -0.59
N VAL A 68 10.37 -1.42 -1.46
CA VAL A 68 11.55 -1.85 -2.25
C VAL A 68 12.73 -2.26 -1.38
N ASP A 69 13.08 -1.42 -0.41
CA ASP A 69 14.24 -1.68 0.44
C ASP A 69 13.95 -2.86 1.34
N LEU A 70 12.73 -2.94 1.84
CA LEU A 70 12.39 -4.06 2.71
C LEU A 70 12.44 -5.36 1.92
N LEU A 71 11.86 -5.39 0.72
CA LEU A 71 11.93 -6.59 -0.12
C LEU A 71 13.38 -7.08 -0.35
N ASP A 72 14.28 -6.15 -0.64
CA ASP A 72 15.67 -6.54 -0.87
C ASP A 72 16.31 -7.17 0.36
N ALA A 73 16.08 -6.57 1.52
CA ALA A 73 16.56 -7.17 2.79
C ALA A 73 15.96 -8.56 3.02
N VAL A 74 14.65 -8.64 2.83
CA VAL A 74 13.96 -9.89 3.06
C VAL A 74 14.45 -11.01 2.10
N MET A 75 14.43 -10.77 0.79
CA MET A 75 14.87 -11.78 -0.17
C MET A 75 16.35 -12.15 -0.02
N LYS A 76 17.19 -11.22 0.39
CA LYS A 76 18.59 -11.53 0.67
C LYS A 76 18.72 -12.45 1.89
N ALA A 77 17.96 -12.16 2.94
CA ALA A 77 17.96 -12.99 4.15
C ALA A 77 17.41 -14.38 3.83
N ALA A 78 16.50 -14.44 2.86
CA ALA A 78 15.84 -15.68 2.47
C ALA A 78 16.67 -16.53 1.48
N GLY A 79 17.77 -15.95 0.98
CA GLY A 79 18.64 -16.57 -0.02
C GLY A 79 17.95 -16.75 -1.37
N LEU A 80 17.03 -15.84 -1.68
CA LEU A 80 16.22 -15.90 -2.92
C LEU A 80 16.60 -14.82 -3.92
N ASP A 81 17.02 -15.24 -5.10
CA ASP A 81 17.19 -14.30 -6.21
C ASP A 81 15.84 -13.89 -6.74
N TYR A 82 15.71 -12.61 -7.11
CA TYR A 82 14.43 -12.05 -7.48
C TYR A 82 14.54 -10.86 -8.45
N GLU A 83 13.42 -10.54 -9.06
CA GLU A 83 13.26 -9.39 -9.94
C GLU A 83 12.02 -8.69 -9.47
N LEU A 84 12.06 -7.36 -9.41
CA LEU A 84 10.89 -6.57 -9.04
C LEU A 84 10.35 -5.84 -10.28
N LYS A 85 9.07 -6.06 -10.58
CA LYS A 85 8.45 -5.51 -11.80
C LYS A 85 7.25 -4.63 -11.48
N ASN A 86 7.20 -3.44 -12.12
CA ASN A 86 6.03 -2.59 -11.94
C ASN A 86 4.95 -3.03 -12.91
N ILE A 87 4.02 -3.83 -12.41
CA ILE A 87 2.98 -4.32 -13.30
C ILE A 87 1.63 -3.66 -13.15
N GLY A 88 1.47 -2.85 -12.11
CA GLY A 88 0.18 -2.15 -11.97
C GLY A 88 -0.72 -2.95 -11.03
N TRP A 89 -1.74 -2.31 -10.49
CA TRP A 89 -2.43 -2.83 -9.32
C TRP A 89 -3.37 -3.99 -9.74
N ASP A 90 -4.27 -3.70 -10.65
CA ASP A 90 -5.21 -4.76 -11.01
C ASP A 90 -4.49 -5.95 -11.71
N PRO A 91 -3.54 -5.64 -12.61
CA PRO A 91 -2.71 -6.72 -13.16
C PRO A 91 -1.98 -7.54 -12.13
N LEU A 92 -1.54 -6.91 -11.04
CA LEU A 92 -0.79 -7.61 -9.98
C LEU A 92 -1.65 -8.76 -9.43
N PHE A 93 -2.91 -8.47 -9.16
CA PHE A 93 -3.80 -9.48 -8.58
C PHE A 93 -4.17 -10.55 -9.59
N ALA A 94 -4.37 -10.14 -10.83
CA ALA A 94 -4.63 -11.09 -11.91
C ALA A 94 -3.46 -12.04 -12.11
N SER A 95 -2.23 -11.53 -12.05
CA SER A 95 -0.99 -12.27 -12.27
C SER A 95 -0.62 -13.18 -11.10
N LEU A 96 -1.02 -12.81 -9.89
CA LEU A 96 -0.90 -13.70 -8.73
C LEU A 96 -1.83 -14.89 -8.90
N GLN A 97 -3.03 -14.63 -9.39
CA GLN A 97 -3.98 -15.72 -9.62
C GLN A 97 -3.50 -16.76 -10.69
N SER A 98 -2.95 -16.27 -11.80
CA SER A 98 -2.40 -17.14 -12.85
C SER A 98 -1.02 -17.72 -12.49
N LYS A 99 -0.42 -17.21 -11.41
CA LYS A 99 0.96 -17.51 -10.95
C LYS A 99 2.03 -17.04 -11.94
N GLU A 100 1.70 -16.11 -12.82
CA GLU A 100 2.73 -15.48 -13.65
C GLU A 100 3.68 -14.64 -12.79
N VAL A 101 3.16 -14.11 -11.69
CA VAL A 101 3.98 -13.44 -10.71
C VAL A 101 3.99 -14.35 -9.47
N ASP A 102 5.15 -14.50 -8.84
CA ASP A 102 5.31 -15.42 -7.72
C ASP A 102 4.96 -14.81 -6.36
N MET A 103 4.98 -13.49 -6.30
CA MET A 103 4.97 -12.73 -5.04
C MET A 103 4.64 -11.30 -5.36
N GLY A 104 4.05 -10.61 -4.38
CA GLY A 104 3.81 -9.19 -4.54
C GLY A 104 4.19 -8.43 -3.28
N ILE A 105 4.60 -7.18 -3.45
CA ILE A 105 4.74 -6.25 -2.31
C ILE A 105 4.31 -4.89 -2.87
N SER A 106 3.34 -4.25 -2.23
CA SER A 106 2.71 -3.07 -2.86
C SER A 106 1.76 -2.35 -1.87
N GLY A 107 2.17 -2.24 -0.60
CA GLY A 107 1.35 -1.53 0.42
C GLY A 107 0.02 -2.27 0.54
N ILE A 108 0.05 -3.59 0.48
CA ILE A 108 -1.19 -4.43 0.45
C ILE A 108 -1.70 -4.83 1.81
N THR A 109 -2.90 -4.37 2.13
CA THR A 109 -3.53 -4.72 3.41
C THR A 109 -3.94 -6.19 3.40
N ILE A 110 -3.56 -6.87 4.47
CA ILE A 110 -4.05 -8.26 4.68
C ILE A 110 -5.54 -8.18 5.01
N THR A 111 -6.41 -8.90 4.29
CA THR A 111 -7.85 -8.92 4.64
C THR A 111 -8.41 -10.31 4.52
N ASP A 112 -9.52 -10.58 5.23
CA ASP A 112 -10.07 -11.93 5.21
C ASP A 112 -10.52 -12.31 3.82
N GLU A 113 -11.10 -11.36 3.11
CA GLU A 113 -11.57 -11.64 1.77
C GLU A 113 -10.41 -11.98 0.84
N ARG A 114 -9.31 -11.22 0.91
CA ARG A 114 -8.13 -11.55 0.11
C ARG A 114 -7.49 -12.89 0.47
N LYS A 115 -7.54 -13.27 1.75
CA LYS A 115 -6.99 -14.57 2.17
C LYS A 115 -7.78 -15.74 1.55
N GLN A 116 -8.98 -15.47 1.01
CA GLN A 116 -9.72 -16.52 0.32
C GLN A 116 -9.03 -16.93 -0.98
N SER A 117 -8.28 -16.00 -1.56
CA SER A 117 -7.68 -16.21 -2.88
C SER A 117 -6.17 -16.21 -2.88
N TYR A 118 -5.56 -15.62 -1.84
CA TYR A 118 -4.10 -15.46 -1.79
C TYR A 118 -3.60 -15.82 -0.41
N ASP A 119 -2.29 -16.01 -0.28
CA ASP A 119 -1.65 -16.15 1.03
C ASP A 119 -0.87 -14.88 1.32
N PHE A 120 -0.71 -14.54 2.60
CA PHE A 120 0.08 -13.38 3.02
C PHE A 120 1.21 -13.77 3.95
N SER A 121 2.29 -12.97 3.90
CA SER A 121 3.32 -13.03 4.93
C SER A 121 2.75 -12.53 6.28
N ASP A 122 3.51 -12.74 7.36
CA ASP A 122 3.27 -12.01 8.61
C ASP A 122 3.26 -10.50 8.34
N PRO A 123 2.55 -9.73 9.17
CA PRO A 123 2.48 -8.28 8.83
C PRO A 123 3.81 -7.58 8.94
N TYR A 124 4.03 -6.58 8.11
CA TYR A 124 5.26 -5.81 8.21
C TYR A 124 5.03 -4.33 8.39
N PHE A 125 3.79 -3.87 8.48
CA PHE A 125 3.52 -2.41 8.63
C PHE A 125 2.10 -2.27 9.15
N GLU A 126 1.81 -1.21 9.91
CA GLU A 126 0.43 -0.92 10.31
CA GLU A 126 0.45 -0.92 10.33
C GLU A 126 0.04 0.42 9.74
N ALA A 127 -1.19 0.49 9.25
CA ALA A 127 -1.69 1.68 8.56
C ALA A 127 -3.18 1.90 8.82
N THR A 128 -3.72 3.00 8.27
CA THR A 128 -5.15 3.21 8.32
C THR A 128 -5.50 4.07 7.11
N GLN A 129 -6.75 3.99 6.68
CA GLN A 129 -7.23 4.93 5.68
C GLN A 129 -7.37 6.30 6.33
N VAL A 130 -7.23 7.34 5.53
CA VAL A 130 -7.48 8.70 5.98
C VAL A 130 -8.19 9.39 4.83
N ILE A 131 -8.64 10.61 5.08
CA ILE A 131 -9.24 11.43 4.03
C ILE A 131 -8.27 12.53 3.61
N LEU A 132 -8.08 12.67 2.32
CA LEU A 132 -7.27 13.72 1.77
C LEU A 132 -8.20 14.72 1.08
N VAL A 133 -8.07 16.00 1.42
CA VAL A 133 -8.92 17.06 0.89
C VAL A 133 -8.09 18.32 0.62
N LYS A 134 -8.65 19.26 -0.14
CA LYS A 134 -8.03 20.57 -0.25
C LYS A 134 -8.22 21.33 1.05
N GLN A 135 -7.24 22.16 1.41
CA GLN A 135 -7.46 23.01 2.57
C GLN A 135 -8.63 23.90 2.17
N GLY A 136 -9.53 24.14 3.09
CA GLY A 136 -10.76 24.89 2.71
C GLY A 136 -11.93 23.94 2.68
N SER A 137 -11.68 22.64 2.54
CA SER A 137 -12.79 21.69 2.58
C SER A 137 -13.47 21.77 3.96
N PRO A 138 -14.82 21.69 4.02
CA PRO A 138 -15.47 21.70 5.31
C PRO A 138 -15.43 20.35 6.03
N VAL A 139 -14.89 19.31 5.37
CA VAL A 139 -14.94 17.93 5.89
C VAL A 139 -14.17 17.83 7.21
N LYS A 140 -14.83 17.31 8.24
CA LYS A 140 -14.19 17.09 9.56
C LYS A 140 -14.02 15.60 9.94
N ASN A 141 -14.79 14.74 9.29
CA ASN A 141 -14.79 13.29 9.57
C ASN A 141 -15.39 12.61 8.36
N ALA A 142 -15.41 11.27 8.37
CA ALA A 142 -15.83 10.50 7.18
C ALA A 142 -17.28 10.73 6.86
N LEU A 143 -18.09 10.91 7.90
CA LEU A 143 -19.52 11.10 7.70
C LEU A 143 -19.83 12.41 6.97
N ASP A 144 -18.90 13.37 6.99
CA ASP A 144 -19.13 14.62 6.24
C ASP A 144 -18.96 14.44 4.73
N LEU A 145 -18.53 13.25 4.28
CA LEU A 145 -18.39 12.95 2.86
C LEU A 145 -19.71 12.47 2.25
N LYS A 146 -20.75 12.38 3.07
CA LYS A 146 -22.06 12.04 2.58
C LYS A 146 -22.51 12.99 1.45
N GLY A 147 -22.89 12.42 0.32
CA GLY A 147 -23.35 13.20 -0.82
C GLY A 147 -22.24 13.81 -1.67
N LYS A 148 -20.99 13.62 -1.25
CA LYS A 148 -19.83 14.18 -1.96
C LYS A 148 -19.17 13.14 -2.85
N THR A 149 -18.34 13.60 -3.80
CA THR A 149 -17.70 12.65 -4.71
C THR A 149 -16.36 12.27 -4.11
N ILE A 150 -16.08 10.96 -4.08
CA ILE A 150 -14.89 10.45 -3.41
C ILE A 150 -14.02 9.71 -4.44
N GLY A 151 -12.74 10.06 -4.52
CA GLY A 151 -11.86 9.33 -5.38
C GLY A 151 -11.09 8.26 -4.60
N VAL A 152 -10.94 7.09 -5.21
CA VAL A 152 -10.20 5.98 -4.60
C VAL A 152 -9.45 5.24 -5.70
N GLN A 153 -8.45 4.47 -5.29
CA GLN A 153 -7.85 3.52 -6.22
C GLN A 153 -8.74 2.26 -6.27
N ASN A 154 -8.99 1.80 -7.50
CA ASN A 154 -9.84 0.63 -7.72
C ASN A 154 -9.40 -0.54 -6.83
N ALA A 155 -10.36 -1.28 -6.28
CA ALA A 155 -10.05 -2.52 -5.57
C ALA A 155 -9.04 -2.35 -4.42
N THR A 156 -9.28 -1.31 -3.61
CA THR A 156 -8.51 -1.04 -2.41
C THR A 156 -9.41 -1.01 -1.18
N THR A 157 -8.78 -1.08 -0.01
CA THR A 157 -9.52 -0.97 1.25
C THR A 157 -10.09 0.47 1.38
N GLY A 158 -9.54 1.45 0.64
CA GLY A 158 -10.17 2.78 0.65
C GLY A 158 -11.48 2.77 -0.12
N GLN A 159 -11.51 2.08 -1.26
CA GLN A 159 -12.76 1.89 -1.98
C GLN A 159 -13.75 1.18 -1.08
N GLU A 160 -13.25 0.15 -0.41
CA GLU A 160 -14.07 -0.62 0.51
C GLU A 160 -14.68 0.26 1.62
N ALA A 161 -13.86 1.10 2.25
CA ALA A 161 -14.37 1.94 3.31
C ALA A 161 -15.46 2.90 2.78
N ALA A 162 -15.25 3.44 1.57
CA ALA A 162 -16.18 4.39 0.99
C ALA A 162 -17.52 3.68 0.72
N GLU A 163 -17.45 2.46 0.21
CA GLU A 163 -18.66 1.69 -0.10
C GLU A 163 -19.38 1.27 1.15
N LYS A 164 -18.63 0.89 2.18
CA LYS A 164 -19.22 0.51 3.47
C LYS A 164 -19.95 1.68 4.13
N LEU A 165 -19.37 2.88 4.03
CA LEU A 165 -19.93 4.09 4.66
C LEU A 165 -21.14 4.65 3.93
N PHE A 166 -21.14 4.55 2.59
CA PHE A 166 -22.14 5.26 1.75
C PHE A 166 -22.91 4.37 0.78
N GLY A 167 -22.48 3.12 0.63
CA GLY A 167 -23.04 2.22 -0.36
C GLY A 167 -22.35 2.42 -1.70
N LYS A 168 -22.46 1.42 -2.56
CA LYS A 168 -21.90 1.50 -3.90
C LYS A 168 -22.68 2.51 -4.73
N GLY A 169 -21.99 3.25 -5.59
CA GLY A 169 -22.66 4.15 -6.52
C GLY A 169 -21.70 5.01 -7.31
N PRO A 170 -22.23 5.81 -8.26
CA PRO A 170 -21.42 6.73 -9.09
C PRO A 170 -20.63 7.80 -8.33
N HIS A 171 -21.02 8.17 -7.10
CA HIS A 171 -20.24 9.15 -6.34
C HIS A 171 -18.84 8.67 -5.94
N ILE A 172 -18.61 7.37 -6.01
CA ILE A 172 -17.31 6.82 -5.71
C ILE A 172 -16.62 6.66 -7.05
N LYS A 173 -15.57 7.43 -7.25
CA LYS A 173 -14.86 7.39 -8.51
C LYS A 173 -13.59 6.57 -8.33
N LYS A 174 -13.39 5.60 -9.23
CA LYS A 174 -12.32 4.61 -9.07
C LYS A 174 -11.24 4.81 -10.12
N PHE A 175 -9.97 4.81 -9.69
CA PHE A 175 -8.84 5.03 -10.60
C PHE A 175 -7.81 3.91 -10.52
N GLU A 176 -7.06 3.68 -11.60
CA GLU A 176 -6.14 2.53 -11.61
C GLU A 176 -4.90 2.76 -10.75
N THR A 177 -4.56 4.03 -10.49
CA THR A 177 -3.50 4.38 -9.51
C THR A 177 -4.03 5.37 -8.48
N THR A 178 -3.41 5.35 -7.30
CA THR A 178 -3.66 6.42 -6.31
C THR A 178 -3.15 7.77 -6.85
N VAL A 179 -2.11 7.76 -7.67
CA VAL A 179 -1.60 9.00 -8.26
C VAL A 179 -2.72 9.75 -9.00
N VAL A 180 -3.44 9.04 -9.87
CA VAL A 180 -4.57 9.64 -10.62
C VAL A 180 -5.74 10.07 -9.72
N ALA A 181 -6.07 9.29 -8.70
CA ALA A 181 -7.02 9.72 -7.68
C ALA A 181 -6.69 11.11 -7.13
N ILE A 182 -5.43 11.30 -6.73
CA ILE A 182 -4.96 12.59 -6.19
C ILE A 182 -5.07 13.71 -7.21
N MET A 183 -4.66 13.43 -8.45
CA MET A 183 -4.81 14.37 -9.55
CA MET A 183 -4.82 14.36 -9.57
C MET A 183 -6.27 14.82 -9.72
N GLU A 184 -7.22 13.89 -9.55
CA GLU A 184 -8.65 14.24 -9.70
C GLU A 184 -9.12 15.07 -8.48
N LEU A 185 -8.48 14.91 -7.33
CA LEU A 185 -8.73 15.82 -6.18
C LEU A 185 -8.24 17.22 -6.55
N LEU A 186 -7.02 17.31 -7.07
CA LEU A 186 -6.40 18.60 -7.39
C LEU A 186 -7.18 19.41 -8.45
N ASN A 187 -7.73 18.72 -9.44
CA ASN A 187 -8.40 19.41 -10.53
C ASN A 187 -9.92 19.57 -10.27
N GLY A 188 -10.35 19.20 -9.08
CA GLY A 188 -11.74 19.35 -8.69
C GLY A 188 -12.70 18.30 -9.20
N GLY A 189 -12.18 17.25 -9.82
CA GLY A 189 -13.04 16.15 -10.26
C GLY A 189 -13.66 15.39 -9.09
N VAL A 190 -12.96 15.34 -7.97
CA VAL A 190 -13.53 14.76 -6.74
C VAL A 190 -13.35 15.74 -5.59
N ASP A 191 -14.16 15.55 -4.57
CA ASP A 191 -14.20 16.39 -3.34
C ASP A 191 -13.22 15.90 -2.27
N ALA A 192 -12.83 14.64 -2.35
CA ALA A 192 -11.99 14.01 -1.34
C ALA A 192 -11.44 12.72 -1.92
N VAL A 193 -10.31 12.28 -1.37
CA VAL A 193 -9.70 10.97 -1.71
C VAL A 193 -9.56 10.17 -0.41
N ILE A 194 -9.86 8.88 -0.45
CA ILE A 194 -9.58 8.04 0.72
C ILE A 194 -8.42 7.15 0.32
N THR A 195 -7.34 7.27 1.07
CA THR A 195 -6.13 6.46 0.82
C THR A 195 -5.36 6.21 2.12
N ASP A 196 -4.19 5.57 2.00
CA ASP A 196 -3.45 5.12 3.19
C ASP A 196 -2.75 6.28 3.84
N ASN A 197 -2.66 6.22 5.18
CA ASN A 197 -2.14 7.33 5.96
C ASN A 197 -0.74 7.80 5.53
N ALA A 198 0.21 6.87 5.32
CA ALA A 198 1.60 7.34 5.04
C ALA A 198 1.69 7.94 3.66
N VAL A 199 0.84 7.47 2.75
CA VAL A 199 0.80 7.98 1.39
C VAL A 199 0.22 9.40 1.38
N ALA A 200 -0.92 9.59 2.04
CA ALA A 200 -1.50 10.95 2.16
C ALA A 200 -0.56 11.91 2.87
N ASN A 201 -0.03 11.48 4.01
CA ASN A 201 0.85 12.32 4.80
C ASN A 201 2.10 12.75 4.05
N GLU A 202 2.71 11.82 3.30
CA GLU A 202 3.94 12.15 2.56
C GLU A 202 3.63 13.06 1.36
N TYR A 203 2.48 12.84 0.72
CA TYR A 203 2.09 13.70 -0.39
C TYR A 203 1.96 15.17 0.07
N VAL A 204 1.31 15.37 1.21
CA VAL A 204 1.09 16.72 1.75
C VAL A 204 2.42 17.32 2.15
N LYS A 205 3.25 16.53 2.82
CA LYS A 205 4.55 17.01 3.31
C LYS A 205 5.48 17.36 2.13
N ASN A 206 5.40 16.58 1.07
CA ASN A 206 6.18 16.87 -0.14
C ASN A 206 5.55 17.86 -1.11
N ASN A 207 4.28 18.19 -0.94
CA ASN A 207 3.63 19.13 -1.86
C ASN A 207 2.90 20.29 -1.20
N PRO A 208 3.63 21.11 -0.41
CA PRO A 208 3.01 22.20 0.35
C PRO A 208 2.23 23.16 -0.57
N ASN A 209 2.74 23.38 -1.78
CA ASN A 209 2.12 24.35 -2.68
C ASN A 209 0.78 23.90 -3.24
N LYS A 210 0.47 22.62 -3.09
CA LYS A 210 -0.82 22.05 -3.47
C LYS A 210 -1.92 22.33 -2.45
N LYS A 211 -1.52 22.79 -1.25
CA LYS A 211 -2.45 23.17 -0.18
C LYS A 211 -3.53 22.11 0.06
N LEU A 212 -3.07 20.89 0.33
CA LEU A 212 -3.94 19.77 0.72
C LEU A 212 -3.82 19.55 2.22
N GLN A 213 -4.73 18.76 2.77
CA GLN A 213 -4.64 18.38 4.17
C GLN A 213 -5.20 16.97 4.43
N VAL A 214 -4.73 16.36 5.52
CA VAL A 214 -5.14 14.99 5.90
C VAL A 214 -6.15 15.08 7.06
N ILE A 215 -7.28 14.42 6.90
CA ILE A 215 -8.17 14.28 8.01
C ILE A 215 -8.15 12.83 8.47
N GLU A 216 -7.83 12.61 9.75
CA GLU A 216 -7.86 11.26 10.30
C GLU A 216 -9.24 11.05 10.94
N ASP A 217 -9.76 9.83 10.85
CA ASP A 217 -11.02 9.50 11.53
C ASP A 217 -10.91 8.08 12.12
N PRO A 218 -10.31 7.94 13.31
CA PRO A 218 -10.19 6.64 13.98
C PRO A 218 -11.54 6.00 14.33
N LYS A 219 -12.61 6.79 14.39
CA LYS A 219 -13.93 6.19 14.70
C LYS A 219 -14.49 5.42 13.51
N ASN A 220 -14.14 5.81 12.30
CA ASN A 220 -14.75 5.25 11.10
C ASN A 220 -13.80 4.38 10.26
N PHE A 221 -12.49 4.50 10.48
CA PHE A 221 -11.54 3.72 9.72
C PHE A 221 -10.78 2.76 10.63
N ALA A 222 -10.69 1.51 10.20
CA ALA A 222 -10.08 0.39 10.93
C ALA A 222 -8.54 0.40 10.83
N SER A 223 -7.87 -0.24 11.79
CA SER A 223 -6.45 -0.56 11.71
C SER A 223 -6.24 -1.55 10.59
N GLU A 224 -5.15 -1.37 9.86
CA GLU A 224 -4.84 -2.25 8.72
C GLU A 224 -3.39 -2.68 8.84
N TYR A 225 -3.07 -3.91 8.41
CA TYR A 225 -1.67 -4.36 8.45
C TYR A 225 -1.24 -4.77 7.05
N TYR A 226 -0.06 -4.33 6.58
CA TYR A 226 0.37 -4.74 5.25
C TYR A 226 1.09 -6.09 5.33
N GLY A 227 0.89 -6.92 4.30
CA GLY A 227 1.64 -8.19 4.15
C GLY A 227 2.18 -8.28 2.73
N MET A 228 3.28 -9.02 2.56
CA MET A 228 3.70 -9.46 1.22
C MET A 228 2.66 -10.50 0.83
N ILE A 229 2.40 -10.67 -0.47
CA ILE A 229 1.30 -11.53 -0.93
C ILE A 229 1.81 -12.59 -1.91
N PHE A 230 1.14 -13.74 -1.94
CA PHE A 230 1.61 -14.91 -2.71
C PHE A 230 0.40 -15.58 -3.31
N PRO A 231 0.62 -16.31 -4.43
CA PRO A 231 -0.44 -17.20 -4.84
C PRO A 231 -0.71 -18.19 -3.72
N LYS A 232 -1.95 -18.64 -3.64
CA LYS A 232 -2.39 -19.63 -2.67
C LYS A 232 -1.48 -20.85 -2.71
N ASN A 233 -1.07 -21.33 -1.54
CA ASN A 233 -0.20 -22.52 -1.42
C ASN A 233 1.26 -22.32 -1.91
N SER A 234 1.71 -21.07 -1.95
CA SER A 234 3.09 -20.79 -2.33
C SER A 234 4.11 -21.42 -1.40
N GLU A 235 5.15 -22.01 -1.99
CA GLU A 235 6.28 -22.47 -1.21
C GLU A 235 7.26 -21.35 -0.79
N LEU A 236 7.02 -20.10 -1.17
CA LEU A 236 7.89 -18.99 -0.73
C LEU A 236 7.51 -18.39 0.62
N LYS A 237 6.27 -18.57 1.08
CA LYS A 237 5.76 -17.84 2.26
C LYS A 237 6.59 -18.12 3.50
N ALA A 238 6.92 -19.39 3.73
CA ALA A 238 7.65 -19.78 4.94
C ALA A 238 9.03 -19.09 5.00
N LYS A 239 9.76 -19.12 3.88
CA LYS A 239 11.08 -18.48 3.75
C LYS A 239 11.00 -16.98 3.95
N VAL A 240 9.97 -16.36 3.38
CA VAL A 240 9.79 -14.92 3.51
C VAL A 240 9.43 -14.59 4.99
N ASP A 241 8.54 -15.37 5.62
CA ASP A 241 8.22 -15.14 7.06
C ASP A 241 9.46 -15.23 7.96
N GLU A 242 10.31 -16.23 7.72
CA GLU A 242 11.52 -16.37 8.53
C GLU A 242 12.49 -15.21 8.24
N ALA A 243 12.60 -14.82 6.97
CA ALA A 243 13.52 -13.74 6.58
C ALA A 243 13.06 -12.41 7.18
N LEU A 244 11.75 -12.15 7.12
CA LEU A 244 11.23 -10.93 7.72
C LEU A 244 11.56 -10.85 9.24
N LYS A 245 11.40 -11.98 9.93
CA LYS A 245 11.78 -12.11 11.35
C LYS A 245 13.22 -11.75 11.54
N ASN A 246 14.07 -12.30 10.68
CA ASN A 246 15.51 -12.05 10.73
C ASN A 246 15.85 -10.57 10.48
N VAL A 247 15.22 -9.99 9.45
CA VAL A 247 15.33 -8.53 9.16
C VAL A 247 14.87 -7.63 10.31
N ILE A 248 13.76 -7.97 10.95
CA ILE A 248 13.32 -7.22 12.13
C ILE A 248 14.29 -7.42 13.30
N ASN A 249 14.66 -8.67 13.56
CA ASN A 249 15.56 -8.97 14.68
C ASN A 249 16.91 -8.26 14.61
N SER A 250 17.47 -8.13 13.42
CA SER A 250 18.83 -7.58 13.23
C SER A 250 18.88 -6.04 13.34
N GLY A 251 17.73 -5.37 13.32
CA GLY A 251 17.71 -3.91 13.31
C GLY A 251 17.62 -3.33 11.90
N LYS A 252 17.60 -4.19 10.88
CA LYS A 252 17.58 -3.73 9.48
C LYS A 252 16.22 -3.15 9.16
N TYR A 253 15.16 -3.76 9.69
CA TYR A 253 13.82 -3.19 9.49
C TYR A 253 13.79 -1.76 10.02
N THR A 254 14.27 -1.55 11.24
CA THR A 254 14.25 -0.17 11.74
C THR A 254 15.14 0.82 11.01
N GLU A 255 16.29 0.38 10.50
CA GLU A 255 17.14 1.24 9.64
C GLU A 255 16.34 1.70 8.40
N ILE A 256 15.70 0.74 7.71
CA ILE A 256 14.87 1.04 6.54
C ILE A 256 13.70 1.98 6.93
N TYR A 257 13.00 1.64 8.01
CA TYR A 257 11.88 2.47 8.50
C TYR A 257 12.33 3.91 8.76
N LYS A 258 13.45 4.07 9.44
CA LYS A 258 13.95 5.40 9.74
C LYS A 258 14.35 6.19 8.49
N LYS A 259 14.95 5.49 7.53
CA LYS A 259 15.27 6.07 6.22
C LYS A 259 14.06 6.76 5.64
N TRP A 260 12.92 6.06 5.63
CA TRP A 260 11.75 6.52 4.91
C TRP A 260 10.82 7.43 5.71
N PHE A 261 10.83 7.29 7.03
CA PHE A 261 9.87 7.98 7.88
C PHE A 261 10.47 8.91 8.92
N GLY A 262 11.79 8.82 9.11
CA GLY A 262 12.52 9.73 9.97
C GLY A 262 12.27 9.59 11.45
N LYS A 263 11.71 8.46 11.86
CA LYS A 263 11.40 8.20 13.27
C LYS A 263 11.51 6.70 13.49
N GLU A 264 11.53 6.28 14.76
CA GLU A 264 11.53 4.85 15.12
C GLU A 264 10.18 4.19 14.89
N PRO A 265 10.17 2.93 14.42
CA PRO A 265 8.87 2.23 14.33
C PRO A 265 8.42 1.76 15.70
N LYS A 266 7.15 1.37 15.82
CA LYS A 266 6.68 0.69 17.04
C LYS A 266 6.53 -0.77 16.68
N LEU A 267 7.62 -1.53 16.89
CA LEU A 267 7.62 -2.94 16.43
C LEU A 267 6.56 -3.79 17.10
N ASP A 268 6.07 -3.37 18.29
CA ASP A 268 5.00 -4.16 18.94
C ASP A 268 3.70 -4.20 18.11
N ARG A 269 3.55 -3.27 17.17
CA ARG A 269 2.43 -3.28 16.19
C ARG A 269 2.47 -4.53 15.28
N LEU A 270 3.65 -5.10 15.10
CA LEU A 270 3.82 -6.25 14.24
C LEU A 270 3.56 -7.59 14.91
N LYS A 271 3.24 -7.57 16.20
CA LYS A 271 2.94 -8.77 16.98
C LYS A 271 1.49 -8.83 17.48
N GLN A 272 0.62 -8.05 16.87
CA GLN A 272 -0.78 -7.98 17.30
C GLN A 272 -1.52 -9.21 16.81
S SO4 B . 0.34 3.07 19.18
O1 SO4 B . 0.41 4.22 18.30
O2 SO4 B . -1.03 2.83 19.61
O3 SO4 B . 1.20 3.34 20.35
O4 SO4 B . 0.81 1.89 18.45
S SO4 C . 4.95 0.85 12.21
O1 SO4 C . 5.87 1.45 11.26
O2 SO4 C . 3.60 1.17 11.64
O3 SO4 C . 5.24 1.51 13.53
O4 SO4 C . 5.22 -0.62 12.27
S SO4 D . -12.84 -8.01 4.34
O1 SO4 D . -12.78 -7.29 3.06
O2 SO4 D . -14.25 -8.29 4.64
O3 SO4 D . -12.30 -7.21 5.44
O4 SO4 D . -12.12 -9.27 4.25
N LYS E . -3.49 -0.78 1.54
CA LYS E . -4.66 -0.57 0.62
C LYS E . -5.10 -1.92 0.04
O LYS E . -6.12 -1.99 -0.62
CB LYS E . -4.26 0.37 -0.52
CG LYS E . -3.07 -0.19 -1.34
CD LYS E . -3.00 0.45 -2.74
CE LYS E . -1.59 0.30 -3.30
NZ LYS E . -1.52 0.76 -4.79
OXT LYS E . -4.42 -2.95 0.23
#